data_5EI1
#
_entry.id   5EI1
#
_cell.length_a   54.737
_cell.length_b   82.484
_cell.length_c   58.308
_cell.angle_alpha   90.000
_cell.angle_beta   110.800
_cell.angle_gamma   90.000
#
_symmetry.space_group_name_H-M   'P 1 21 1'
#
loop_
_entity.id
_entity.type
_entity.pdbx_description
1 polymer 'Estrogen receptor'
2 polymer NCOA2
3 non-polymer 2-(4-hydroxyphenyl)-3-iodanyl-imidazo[1,2-a]pyridin-6-ol
4 water water
#
loop_
_entity_poly.entity_id
_entity_poly.type
_entity_poly.pdbx_seq_one_letter_code
_entity_poly.pdbx_strand_id
1 'polypeptide(L)'
;IKRSKKNSLALSLTADQMVSALLDAEPPILYSEYDPTRPFSEASMMGLLTNLADRELVHMINWAKRVPGFVDLTLHDQVH
LLECAWLEILMIGLVWRSMEHPGKLLFAPNLLLDRNQGKCVEGMVEIFDMLLATSSRFRMMNLQGEEFVCLKSIILLNSG
VYTFLSSTLKSLEEKDHIHRVLDKITDTLIHLMAKAGLTLQQQHQRLAQLLLILSHIRHMSNKGMEHLYSMKCKNVVPLS
DLLLEMLDAHRLHAPTS
;
A,B
2 'polypeptide(L)' KHKILHRLLQDSSS C,D
#
loop_
_chem_comp.id
_chem_comp.type
_chem_comp.name
_chem_comp.formula
5OR non-polymer 2-(4-hydroxyphenyl)-3-iodanyl-imidazo[1,2-a]pyridin-6-ol 'C13 H9 I N2 O2'
#
# COMPACT_ATOMS: atom_id res chain seq x y z
N LEU A 9 -25.90 -4.81 10.04
CA LEU A 9 -25.87 -5.38 11.38
C LEU A 9 -24.52 -5.11 12.06
N ALA A 10 -23.59 -4.52 11.31
CA ALA A 10 -22.27 -4.22 11.83
C ALA A 10 -22.16 -2.77 12.25
N LEU A 11 -23.00 -1.92 11.67
CA LEU A 11 -22.96 -0.48 11.94
C LEU A 11 -23.64 -0.14 13.25
N SER A 12 -24.52 -1.02 13.71
CA SER A 12 -25.26 -0.79 14.95
C SER A 12 -24.50 -1.34 16.15
N LEU A 13 -23.22 -1.62 15.96
CA LEU A 13 -22.39 -2.20 17.00
C LEU A 13 -21.57 -1.13 17.69
N THR A 14 -21.41 -1.23 19.01
CA THR A 14 -20.59 -0.27 19.73
C THR A 14 -19.12 -0.56 19.50
N ALA A 15 -18.27 0.35 19.95
CA ALA A 15 -16.82 0.20 19.76
C ALA A 15 -16.28 -1.02 20.50
N ASP A 16 -16.68 -1.20 21.75
CA ASP A 16 -16.24 -2.34 22.54
C ASP A 16 -16.79 -3.65 21.99
N GLN A 17 -18.01 -3.60 21.47
CA GLN A 17 -18.61 -4.77 20.87
C GLN A 17 -17.93 -5.14 19.57
N MET A 18 -17.33 -4.14 18.91
CA MET A 18 -16.58 -4.37 17.68
C MET A 18 -15.24 -5.04 18.00
N VAL A 19 -14.58 -4.55 19.05
CA VAL A 19 -13.32 -5.13 19.50
C VAL A 19 -13.50 -6.60 19.91
N SER A 20 -14.53 -6.86 20.72
CA SER A 20 -14.81 -8.20 21.22
C SER A 20 -15.13 -9.17 20.09
N ALA A 21 -15.93 -8.73 19.13
CA ALA A 21 -16.33 -9.56 18.01
C ALA A 21 -15.12 -9.96 17.17
N LEU A 22 -14.20 -9.02 16.96
CA LEU A 22 -12.99 -9.27 16.20
C LEU A 22 -12.04 -10.18 16.98
N LEU A 23 -11.88 -9.90 18.27
CA LEU A 23 -11.03 -10.71 19.13
C LEU A 23 -11.52 -12.17 19.17
N ASP A 24 -12.84 -12.33 19.17
CA ASP A 24 -13.47 -13.65 19.22
C ASP A 24 -13.32 -14.39 17.90
N ALA A 25 -13.07 -13.63 16.83
CA ALA A 25 -12.99 -14.19 15.48
C ALA A 25 -11.57 -14.62 15.09
N GLU A 26 -10.59 -14.28 15.92
CA GLU A 26 -9.20 -14.58 15.63
C GLU A 26 -9.01 -16.05 15.28
N PRO A 27 -8.32 -16.33 14.17
CA PRO A 27 -8.02 -17.70 13.77
C PRO A 27 -6.99 -18.31 14.71
N PRO A 28 -6.88 -19.63 14.74
CA PRO A 28 -5.87 -20.23 15.62
C PRO A 28 -4.46 -20.05 15.07
N ILE A 29 -3.45 -20.27 15.92
CA ILE A 29 -2.07 -20.30 15.45
C ILE A 29 -1.71 -21.73 15.09
N LEU A 30 -1.45 -21.98 13.82
CA LEU A 30 -1.21 -23.33 13.34
C LEU A 30 0.26 -23.72 13.47
N TYR A 31 0.52 -25.02 13.41
CA TYR A 31 1.88 -25.53 13.55
C TYR A 31 2.41 -26.03 12.22
N SER A 32 3.74 -26.11 12.12
CA SER A 32 4.39 -26.70 10.96
C SER A 32 4.80 -28.14 11.28
N GLU A 33 5.38 -28.83 10.30
CA GLU A 33 5.88 -30.18 10.51
C GLU A 33 7.11 -30.17 11.42
N TYR A 34 7.03 -30.90 12.53
CA TYR A 34 8.05 -30.85 13.57
C TYR A 34 9.24 -31.78 13.31
N ASP A 35 10.18 -31.31 12.50
CA ASP A 35 11.40 -32.07 12.23
C ASP A 35 12.48 -31.15 11.65
N ARG A 38 15.78 -31.18 10.51
CA ARG A 38 16.63 -31.23 9.33
C ARG A 38 16.73 -29.87 8.65
N PRO A 39 17.97 -29.30 8.60
CA PRO A 39 18.31 -28.03 7.95
C PRO A 39 17.61 -27.84 6.60
N PHE A 40 17.13 -26.63 6.34
CA PHE A 40 16.24 -26.38 5.22
C PHE A 40 16.95 -26.18 3.88
N SER A 41 16.40 -26.80 2.84
CA SER A 41 16.78 -26.51 1.47
C SER A 41 15.76 -25.55 0.88
N GLU A 42 15.97 -25.13 -0.36
CA GLU A 42 15.04 -24.21 -1.01
C GLU A 42 13.67 -24.84 -1.16
N ALA A 43 13.64 -26.11 -1.58
CA ALA A 43 12.39 -26.82 -1.83
C ALA A 43 11.64 -27.11 -0.55
N SER A 44 12.36 -27.49 0.51
CA SER A 44 11.75 -27.85 1.77
C SER A 44 11.18 -26.63 2.49
N MET A 45 11.95 -25.55 2.51
CA MET A 45 11.51 -24.32 3.16
C MET A 45 10.27 -23.73 2.47
N MET A 46 10.25 -23.78 1.14
CA MET A 46 9.07 -23.35 0.41
C MET A 46 7.91 -24.31 0.65
N GLY A 47 8.24 -25.59 0.81
CA GLY A 47 7.25 -26.61 1.10
C GLY A 47 6.49 -26.33 2.38
N LEU A 48 7.22 -26.06 3.46
CA LEU A 48 6.61 -25.79 4.75
C LEU A 48 5.73 -24.55 4.70
N LEU A 49 6.28 -23.47 4.13
CA LEU A 49 5.57 -22.20 4.03
C LEU A 49 4.25 -22.32 3.27
N THR A 50 4.31 -22.92 2.08
CA THR A 50 3.11 -23.07 1.27
C THR A 50 2.11 -24.01 1.93
N ASN A 51 2.62 -25.04 2.59
CA ASN A 51 1.77 -25.97 3.33
C ASN A 51 1.07 -25.29 4.49
N LEU A 52 1.83 -24.47 5.21
CA LEU A 52 1.29 -23.69 6.32
C LEU A 52 0.21 -22.72 5.85
N ALA A 53 0.53 -21.96 4.80
CA ALA A 53 -0.40 -20.95 4.28
C ALA A 53 -1.67 -21.59 3.74
N ASP A 54 -1.53 -22.75 3.12
CA ASP A 54 -2.68 -23.46 2.58
C ASP A 54 -3.67 -23.85 3.69
N ARG A 55 -3.14 -24.23 4.84
CA ARG A 55 -3.98 -24.61 5.97
C ARG A 55 -4.55 -23.37 6.67
N GLU A 56 -3.76 -22.31 6.73
CA GLU A 56 -4.21 -21.04 7.31
C GLU A 56 -5.34 -20.41 6.51
N LEU A 57 -5.29 -20.58 5.19
CA LEU A 57 -6.31 -20.04 4.30
C LEU A 57 -7.70 -20.49 4.69
N VAL A 58 -7.84 -21.77 5.06
CA VAL A 58 -9.11 -22.34 5.48
C VAL A 58 -9.68 -21.60 6.69
N HIS A 59 -8.81 -21.28 7.64
CA HIS A 59 -9.23 -20.58 8.85
C HIS A 59 -9.49 -19.09 8.58
N MET A 60 -8.84 -18.56 7.55
CA MET A 60 -9.00 -17.16 7.19
C MET A 60 -10.41 -16.88 6.67
N ILE A 61 -10.92 -17.80 5.85
CA ILE A 61 -12.26 -17.68 5.30
C ILE A 61 -13.31 -17.60 6.41
N ASN A 62 -13.17 -18.49 7.40
CA ASN A 62 -14.11 -18.51 8.52
C ASN A 62 -13.88 -17.33 9.46
N TRP A 63 -12.66 -16.83 9.50
CA TRP A 63 -12.38 -15.61 10.24
C TRP A 63 -13.07 -14.43 9.55
N ALA A 64 -12.92 -14.37 8.22
CA ALA A 64 -13.49 -13.28 7.42
C ALA A 64 -15.00 -13.20 7.59
N LYS A 65 -15.66 -14.36 7.60
CA LYS A 65 -17.11 -14.42 7.75
C LYS A 65 -17.55 -13.91 9.11
N ARG A 66 -16.65 -13.96 10.09
CA ARG A 66 -16.97 -13.51 11.42
C ARG A 66 -16.61 -12.04 11.61
N VAL A 67 -15.96 -11.46 10.61
CA VAL A 67 -15.71 -10.03 10.60
C VAL A 67 -17.01 -9.29 10.32
N PRO A 68 -17.46 -8.46 11.26
CA PRO A 68 -18.74 -7.77 11.18
C PRO A 68 -18.91 -7.01 9.86
N GLY A 69 -19.98 -7.33 9.13
CA GLY A 69 -20.27 -6.66 7.88
C GLY A 69 -19.86 -7.45 6.65
N PHE A 70 -18.98 -8.43 6.83
CA PHE A 70 -18.44 -9.19 5.72
C PHE A 70 -19.48 -10.16 5.14
N VAL A 71 -20.35 -10.69 5.99
CA VAL A 71 -21.39 -11.59 5.51
C VAL A 71 -22.49 -10.83 4.76
N ASP A 72 -22.59 -9.53 5.03
CA ASP A 72 -23.60 -8.69 4.39
C ASP A 72 -23.29 -8.49 2.91
N LEU A 73 -22.02 -8.71 2.54
CA LEU A 73 -21.59 -8.57 1.16
C LEU A 73 -22.01 -9.77 0.32
N THR A 74 -22.09 -9.58 -1.00
CA THR A 74 -22.37 -10.68 -1.91
C THR A 74 -21.22 -11.70 -1.88
N LEU A 75 -21.47 -12.88 -2.44
CA LEU A 75 -20.44 -13.91 -2.49
C LEU A 75 -19.27 -13.47 -3.36
N HIS A 76 -19.59 -12.91 -4.53
CA HIS A 76 -18.58 -12.41 -5.46
C HIS A 76 -17.67 -11.36 -4.81
N ASP A 77 -18.28 -10.45 -4.07
CA ASP A 77 -17.54 -9.40 -3.38
C ASP A 77 -16.62 -10.00 -2.31
N GLN A 78 -17.15 -10.93 -1.54
CA GLN A 78 -16.37 -11.63 -0.52
C GLN A 78 -15.16 -12.32 -1.13
N VAL A 79 -15.38 -13.01 -2.26
CA VAL A 79 -14.32 -13.69 -2.99
C VAL A 79 -13.26 -12.69 -3.45
N HIS A 80 -13.72 -11.59 -4.03
CA HIS A 80 -12.81 -10.58 -4.54
C HIS A 80 -11.91 -10.00 -3.46
N LEU A 81 -12.49 -9.70 -2.30
CA LEU A 81 -11.73 -9.11 -1.20
C LEU A 81 -10.67 -10.07 -0.67
N LEU A 82 -11.04 -11.35 -0.58
CA LEU A 82 -10.12 -12.35 -0.06
C LEU A 82 -9.00 -12.64 -1.06
N GLU A 83 -9.37 -12.80 -2.33
CA GLU A 83 -8.39 -13.02 -3.40
C GLU A 83 -7.34 -11.92 -3.42
N CYS A 84 -7.81 -10.68 -3.24
CA CYS A 84 -6.93 -9.52 -3.26
C CYS A 84 -6.01 -9.43 -2.04
N ALA A 85 -6.52 -9.82 -0.87
CA ALA A 85 -5.86 -9.46 0.38
C ALA A 85 -5.25 -10.64 1.16
N TRP A 86 -5.41 -11.86 0.67
CA TRP A 86 -5.07 -13.05 1.46
C TRP A 86 -3.60 -13.11 1.90
N LEU A 87 -2.69 -12.61 1.06
CA LEU A 87 -1.28 -12.66 1.42
C LEU A 87 -0.95 -11.53 2.39
N GLU A 88 -1.57 -10.37 2.20
CA GLU A 88 -1.49 -9.29 3.17
C GLU A 88 -1.91 -9.76 4.55
N ILE A 89 -3.04 -10.47 4.59
CA ILE A 89 -3.61 -10.93 5.85
C ILE A 89 -2.71 -11.95 6.52
N LEU A 90 -2.17 -12.89 5.74
CA LEU A 90 -1.21 -13.84 6.25
C LEU A 90 0.04 -13.14 6.78
N MET A 91 0.48 -12.11 6.08
CA MET A 91 1.72 -11.43 6.43
C MET A 91 1.59 -10.56 7.68
N ILE A 92 0.49 -9.82 7.83
CA ILE A 92 0.32 -9.00 9.02
C ILE A 92 0.13 -9.89 10.25
N GLY A 93 -0.38 -11.10 10.02
CA GLY A 93 -0.46 -12.08 11.09
C GLY A 93 0.94 -12.55 11.47
N LEU A 94 1.73 -12.90 10.47
CA LEU A 94 3.13 -13.30 10.67
C LEU A 94 3.89 -12.24 11.46
N VAL A 95 3.83 -11.00 10.98
CA VAL A 95 4.47 -9.87 11.61
C VAL A 95 4.01 -9.69 13.06
N TRP A 96 2.72 -9.87 13.28
CA TRP A 96 2.14 -9.74 14.62
C TRP A 96 2.64 -10.85 15.55
N ARG A 97 2.72 -12.06 15.02
CA ARG A 97 3.21 -13.21 15.79
C ARG A 97 4.68 -13.04 16.14
N SER A 98 5.42 -12.38 15.26
CA SER A 98 6.87 -12.26 15.40
C SER A 98 7.27 -11.06 16.24
N MET A 99 6.28 -10.37 16.81
CA MET A 99 6.53 -9.13 17.53
C MET A 99 7.38 -9.35 18.78
N GLU A 100 7.20 -10.50 19.42
CA GLU A 100 7.96 -10.82 20.63
C GLU A 100 9.22 -11.63 20.33
N HIS A 101 9.61 -11.66 19.06
CA HIS A 101 10.81 -12.40 18.66
C HIS A 101 11.68 -11.58 17.71
N PRO A 102 12.33 -10.52 18.24
CA PRO A 102 13.12 -9.60 17.41
C PRO A 102 14.24 -10.30 16.65
N GLY A 103 14.31 -10.05 15.35
CA GLY A 103 15.32 -10.66 14.50
C GLY A 103 14.85 -11.95 13.86
N LYS A 104 13.67 -12.41 14.28
CA LYS A 104 13.13 -13.68 13.80
C LYS A 104 11.70 -13.56 13.29
N LEU A 105 11.32 -14.49 12.41
CA LEU A 105 9.96 -14.55 11.90
C LEU A 105 9.25 -15.82 12.37
N LEU A 106 8.17 -15.63 13.11
CA LEU A 106 7.43 -16.74 13.69
C LEU A 106 6.32 -17.22 12.75
N PHE A 107 6.69 -18.01 11.74
CA PHE A 107 5.71 -18.60 10.85
C PHE A 107 4.80 -19.55 11.61
N ALA A 108 5.40 -20.29 12.53
CA ALA A 108 4.68 -21.22 13.39
C ALA A 108 5.50 -21.38 14.67
N PRO A 109 4.86 -21.74 15.79
CA PRO A 109 5.59 -21.90 17.06
C PRO A 109 6.78 -22.86 16.95
N ASN A 110 6.71 -23.82 16.03
CA ASN A 110 7.81 -24.74 15.80
C ASN A 110 8.55 -24.38 14.50
N LEU A 111 8.38 -23.15 14.05
CA LEU A 111 9.05 -22.70 12.83
C LEU A 111 9.49 -21.24 12.96
N LEU A 112 10.58 -21.03 13.69
CA LEU A 112 11.17 -19.70 13.87
C LEU A 112 12.34 -19.51 12.93
N LEU A 113 12.24 -18.54 12.03
CA LEU A 113 13.31 -18.29 11.07
C LEU A 113 13.92 -16.90 11.29
N ASP A 114 15.25 -16.84 11.34
CA ASP A 114 15.95 -15.59 11.63
C ASP A 114 16.03 -14.67 10.41
N ARG A 115 17.18 -14.68 9.74
CA ARG A 115 17.35 -13.90 8.51
C ARG A 115 18.24 -14.66 7.54
N ASN A 116 19.24 -15.35 8.07
CA ASN A 116 20.14 -16.17 7.26
C ASN A 116 19.42 -17.33 6.59
N GLN A 117 18.39 -17.84 7.25
CA GLN A 117 17.63 -18.97 6.72
C GLN A 117 16.75 -18.52 5.56
N GLY A 118 16.51 -17.21 5.46
CA GLY A 118 15.79 -16.65 4.35
C GLY A 118 16.58 -16.75 3.05
N LYS A 119 17.90 -16.91 3.16
CA LYS A 119 18.75 -16.97 1.98
C LYS A 119 18.78 -18.39 1.38
N CYS A 120 18.12 -19.33 2.04
CA CYS A 120 18.00 -20.68 1.51
C CYS A 120 17.18 -20.68 0.23
N VAL A 121 16.16 -19.83 0.20
CA VAL A 121 15.33 -19.64 -0.97
C VAL A 121 15.75 -18.35 -1.69
N GLU A 122 16.01 -18.45 -2.99
CA GLU A 122 16.43 -17.29 -3.75
C GLU A 122 15.30 -16.25 -3.84
N GLY A 123 15.65 -14.99 -3.66
CA GLY A 123 14.70 -13.90 -3.73
C GLY A 123 13.88 -13.71 -2.46
N MET A 124 14.12 -14.56 -1.47
CA MET A 124 13.31 -14.56 -0.25
C MET A 124 13.85 -13.61 0.83
N VAL A 125 15.17 -13.50 0.93
CA VAL A 125 15.79 -12.73 2.00
C VAL A 125 15.36 -11.26 1.99
N GLU A 126 15.08 -10.73 0.80
CA GLU A 126 14.61 -9.34 0.69
C GLU A 126 13.23 -9.21 1.34
N ILE A 127 12.42 -10.25 1.20
CA ILE A 127 11.08 -10.27 1.78
C ILE A 127 11.13 -10.45 3.29
N PHE A 128 12.05 -11.28 3.76
CA PHE A 128 12.28 -11.44 5.19
C PHE A 128 12.61 -10.11 5.85
N ASP A 129 13.50 -9.35 5.21
CA ASP A 129 13.94 -8.06 5.76
C ASP A 129 12.78 -7.08 5.88
N MET A 130 11.92 -7.05 4.89
CA MET A 130 10.75 -6.18 4.94
C MET A 130 9.81 -6.59 6.07
N LEU A 131 9.60 -7.90 6.22
CA LEU A 131 8.74 -8.42 7.26
C LEU A 131 9.30 -8.12 8.65
N LEU A 132 10.60 -8.35 8.82
CA LEU A 132 11.27 -8.06 10.08
C LEU A 132 11.20 -6.57 10.41
N ALA A 133 11.29 -5.72 9.39
CA ALA A 133 11.20 -4.28 9.57
C ALA A 133 9.81 -3.88 10.04
N THR A 134 8.79 -4.51 9.46
CA THR A 134 7.41 -4.26 9.87
C THR A 134 7.22 -4.69 11.32
N SER A 135 7.77 -5.85 11.67
CA SER A 135 7.67 -6.39 13.02
C SER A 135 8.36 -5.47 14.02
N SER A 136 9.55 -5.00 13.66
CA SER A 136 10.31 -4.09 14.51
C SER A 136 9.56 -2.76 14.67
N ARG A 137 8.77 -2.41 13.66
CA ARG A 137 7.99 -1.19 13.70
C ARG A 137 6.79 -1.32 14.64
N PHE A 138 6.09 -2.45 14.55
CA PHE A 138 4.98 -2.74 15.44
C PHE A 138 5.43 -2.69 16.90
N ARG A 139 6.58 -3.30 17.15
CA ARG A 139 7.16 -3.34 18.48
C ARG A 139 7.46 -1.94 19.00
N MET A 140 8.07 -1.12 18.14
CA MET A 140 8.39 0.26 18.48
C MET A 140 7.13 1.04 18.88
N MET A 141 6.04 0.79 18.16
CA MET A 141 4.78 1.47 18.42
C MET A 141 4.03 0.84 19.59
N ASN A 142 4.53 -0.30 20.06
CA ASN A 142 3.87 -1.07 21.10
C ASN A 142 2.43 -1.41 20.72
N LEU A 143 2.27 -1.96 19.51
CA LEU A 143 0.97 -2.33 18.96
C LEU A 143 0.19 -3.29 19.86
N GLN A 144 -1.06 -2.92 20.15
CA GLN A 144 -1.92 -3.75 20.98
C GLN A 144 -2.75 -4.72 20.13
N GLY A 145 -3.08 -5.87 20.71
CA GLY A 145 -3.85 -6.89 20.03
C GLY A 145 -5.18 -6.37 19.49
N GLU A 146 -5.81 -5.49 20.28
CA GLU A 146 -7.06 -4.86 19.86
C GLU A 146 -6.85 -4.02 18.60
N GLU A 147 -5.71 -3.34 18.53
CA GLU A 147 -5.37 -2.53 17.36
C GLU A 147 -5.06 -3.42 16.15
N PHE A 148 -4.37 -4.52 16.41
CA PHE A 148 -4.00 -5.47 15.38
C PHE A 148 -5.21 -6.07 14.66
N VAL A 149 -6.20 -6.54 15.41
CA VAL A 149 -7.36 -7.18 14.79
C VAL A 149 -8.16 -6.16 13.97
N CYS A 150 -8.08 -4.88 14.33
CA CYS A 150 -8.72 -3.83 13.55
C CYS A 150 -8.00 -3.64 12.22
N LEU A 151 -6.67 -3.60 12.28
CA LEU A 151 -5.85 -3.42 11.08
C LEU A 151 -6.04 -4.55 10.08
N LYS A 152 -6.06 -5.77 10.59
CA LYS A 152 -6.17 -6.95 9.74
C LYS A 152 -7.50 -6.97 8.98
N SER A 153 -8.58 -6.66 9.69
CA SER A 153 -9.91 -6.60 9.07
C SER A 153 -10.01 -5.41 8.10
N ILE A 154 -9.38 -4.29 8.45
CA ILE A 154 -9.31 -3.14 7.56
C ILE A 154 -8.67 -3.55 6.23
N ILE A 155 -7.56 -4.28 6.30
CA ILE A 155 -6.91 -4.82 5.11
C ILE A 155 -7.88 -5.66 4.27
N LEU A 156 -8.63 -6.52 4.93
CA LEU A 156 -9.60 -7.38 4.26
C LEU A 156 -10.63 -6.58 3.48
N LEU A 157 -11.16 -5.53 4.11
CA LEU A 157 -12.23 -4.76 3.50
C LEU A 157 -11.71 -3.67 2.55
N ASN A 158 -10.54 -3.13 2.82
CA ASN A 158 -10.02 -2.02 2.02
C ASN A 158 -9.32 -2.44 0.74
N SER A 159 -8.43 -3.43 0.83
CA SER A 159 -7.50 -3.74 -0.24
C SER A 159 -8.12 -4.01 -1.61
N GLY A 160 -9.35 -4.54 -1.63
CA GLY A 160 -9.99 -4.83 -2.90
C GLY A 160 -11.15 -3.93 -3.26
N VAL A 161 -11.41 -2.90 -2.45
CA VAL A 161 -12.63 -2.12 -2.61
C VAL A 161 -12.60 -1.16 -3.82
N TYR A 162 -11.41 -0.77 -4.26
CA TYR A 162 -11.30 0.10 -5.44
C TYR A 162 -10.97 -0.74 -6.69
N THR A 163 -11.32 -2.01 -6.62
CA THR A 163 -10.93 -2.96 -7.62
C THR A 163 -12.22 -3.63 -8.11
N PHE A 164 -13.34 -3.07 -7.73
CA PHE A 164 -14.65 -3.57 -8.14
C PHE A 164 -15.04 -3.03 -9.51
N GLU A 174 -22.72 -1.58 -2.77
CA GLU A 174 -21.90 -2.54 -2.03
C GLU A 174 -20.60 -1.91 -1.56
N LYS A 175 -20.04 -1.02 -2.39
CA LYS A 175 -18.82 -0.30 -2.04
C LYS A 175 -19.09 0.68 -0.91
N ASP A 176 -20.29 1.22 -0.88
CA ASP A 176 -20.68 2.17 0.16
C ASP A 176 -20.79 1.49 1.52
N HIS A 177 -21.29 0.25 1.52
CA HIS A 177 -21.40 -0.52 2.74
C HIS A 177 -20.03 -0.82 3.34
N ILE A 178 -19.08 -1.23 2.49
CA ILE A 178 -17.73 -1.54 2.94
C ILE A 178 -17.08 -0.31 3.56
N HIS A 179 -17.22 0.84 2.92
CA HIS A 179 -16.67 2.09 3.45
C HIS A 179 -17.35 2.48 4.76
N ARG A 180 -18.61 2.10 4.91
CA ARG A 180 -19.33 2.35 6.16
C ARG A 180 -18.76 1.50 7.28
N VAL A 181 -18.39 0.26 6.96
CA VAL A 181 -17.81 -0.64 7.95
C VAL A 181 -16.38 -0.21 8.27
N LEU A 182 -15.66 0.27 7.25
CA LEU A 182 -14.31 0.77 7.43
C LEU A 182 -14.31 1.95 8.40
N ASP A 183 -15.25 2.88 8.20
CA ASP A 183 -15.44 4.01 9.10
C ASP A 183 -15.72 3.52 10.53
N LYS A 184 -16.46 2.43 10.66
CA LYS A 184 -16.80 1.88 11.96
C LYS A 184 -15.55 1.39 12.68
N ILE A 185 -14.63 0.79 11.93
CA ILE A 185 -13.38 0.28 12.49
C ILE A 185 -12.44 1.44 12.86
N THR A 186 -12.53 2.53 12.12
CA THR A 186 -11.77 3.73 12.44
C THR A 186 -12.19 4.29 13.79
N ASP A 187 -13.49 4.42 14.01
CA ASP A 187 -14.02 4.86 15.30
C ASP A 187 -13.57 3.91 16.40
N THR A 188 -13.52 2.63 16.08
CA THR A 188 -13.11 1.61 17.03
C THR A 188 -11.65 1.79 17.44
N LEU A 189 -10.79 2.04 16.45
CA LEU A 189 -9.37 2.30 16.71
C LEU A 189 -9.17 3.52 17.60
N ILE A 190 -9.82 4.63 17.22
CA ILE A 190 -9.78 5.85 18.01
C ILE A 190 -10.26 5.60 19.44
N HIS A 191 -11.35 4.87 19.57
CA HIS A 191 -11.91 4.51 20.87
C HIS A 191 -10.87 3.84 21.76
N LEU A 192 -10.12 2.91 21.16
CA LEU A 192 -9.05 2.21 21.87
C LEU A 192 -7.96 3.17 22.34
N MET A 193 -7.55 4.07 21.45
CA MET A 193 -6.50 5.03 21.77
C MET A 193 -6.95 6.03 22.83
N ALA A 194 -8.24 6.36 22.81
CA ALA A 194 -8.80 7.26 23.80
C ALA A 194 -8.83 6.59 25.17
N LYS A 195 -9.01 5.27 25.17
CA LYS A 195 -8.98 4.49 26.40
C LYS A 195 -7.59 4.50 27.03
N ALA A 196 -6.57 4.28 26.20
CA ALA A 196 -5.19 4.18 26.67
C ALA A 196 -4.63 5.49 27.22
N GLY A 197 -5.40 6.56 27.11
CA GLY A 197 -5.02 7.83 27.70
C GLY A 197 -4.37 8.81 26.74
N LEU A 198 -4.27 8.42 25.47
CA LEU A 198 -3.69 9.29 24.46
C LEU A 198 -4.56 10.52 24.24
N THR A 199 -3.93 11.68 24.16
CA THR A 199 -4.64 12.93 23.90
C THR A 199 -5.22 12.93 22.50
N LEU A 200 -6.03 13.93 22.20
CA LEU A 200 -6.64 14.06 20.88
C LEU A 200 -5.60 14.08 19.78
N GLN A 201 -4.56 14.90 19.97
CA GLN A 201 -3.49 14.99 18.99
C GLN A 201 -2.79 13.65 18.79
N GLN A 202 -2.51 12.96 19.89
CA GLN A 202 -1.82 11.69 19.83
C GLN A 202 -2.68 10.61 19.19
N GLN A 203 -4.01 10.77 19.31
CA GLN A 203 -4.94 9.80 18.77
C GLN A 203 -4.88 9.73 17.25
N HIS A 204 -4.98 10.88 16.60
CA HIS A 204 -4.99 10.88 15.13
C HIS A 204 -3.58 10.68 14.57
N GLN A 205 -2.57 11.03 15.36
CA GLN A 205 -1.19 10.78 14.96
C GLN A 205 -0.90 9.29 14.95
N ARG A 206 -1.36 8.59 15.98
CA ARG A 206 -1.15 7.14 16.05
C ARG A 206 -1.99 6.41 15.00
N LEU A 207 -3.22 6.89 14.79
CA LEU A 207 -4.08 6.35 13.75
C LEU A 207 -3.39 6.42 12.39
N ALA A 208 -2.78 7.57 12.11
CA ALA A 208 -2.03 7.77 10.88
C ALA A 208 -0.86 6.79 10.76
N GLN A 209 -0.06 6.71 11.82
CA GLN A 209 1.10 5.83 11.84
C GLN A 209 0.73 4.37 11.56
N LEU A 210 -0.39 3.93 12.13
CA LEU A 210 -0.84 2.57 11.95
C LEU A 210 -1.30 2.29 10.52
N LEU A 211 -2.10 3.20 9.96
CA LEU A 211 -2.65 2.97 8.63
C LEU A 211 -1.60 3.12 7.53
N LEU A 212 -0.50 3.80 7.84
CA LEU A 212 0.58 3.96 6.87
C LEU A 212 1.43 2.70 6.76
N ILE A 213 1.36 1.83 7.76
CA ILE A 213 2.02 0.52 7.72
C ILE A 213 1.41 -0.38 6.64
N LEU A 214 0.10 -0.22 6.42
CA LEU A 214 -0.62 -1.05 5.48
C LEU A 214 -0.13 -0.84 4.04
N SER A 215 0.35 0.35 3.75
CA SER A 215 0.94 0.62 2.45
C SER A 215 2.16 -0.26 2.22
N HIS A 216 2.89 -0.53 3.30
CA HIS A 216 4.09 -1.37 3.24
CA HIS A 216 4.08 -1.36 3.20
C HIS A 216 3.73 -2.84 3.26
N ILE A 217 2.65 -3.18 3.96
CA ILE A 217 2.15 -4.55 3.99
C ILE A 217 1.66 -4.91 2.59
N ARG A 218 1.05 -3.95 1.91
CA ARG A 218 0.63 -4.12 0.53
C ARG A 218 1.84 -4.38 -0.37
N HIS A 219 2.87 -3.56 -0.17
CA HIS A 219 4.13 -3.70 -0.91
C HIS A 219 4.73 -5.09 -0.74
N MET A 220 4.75 -5.57 0.50
CA MET A 220 5.34 -6.88 0.79
C MET A 220 4.54 -8.00 0.12
N SER A 221 3.22 -7.88 0.15
CA SER A 221 2.34 -8.87 -0.48
C SER A 221 2.62 -8.99 -1.97
N ASN A 222 2.75 -7.85 -2.63
CA ASN A 222 3.02 -7.82 -4.06
C ASN A 222 4.36 -8.48 -4.38
N LYS A 223 5.37 -8.24 -3.55
CA LYS A 223 6.66 -8.88 -3.71
C LYS A 223 6.54 -10.38 -3.45
N GLY A 224 5.75 -10.74 -2.46
CA GLY A 224 5.54 -12.13 -2.11
C GLY A 224 4.78 -12.87 -3.19
N MET A 225 3.82 -12.17 -3.80
CA MET A 225 2.99 -12.77 -4.84
C MET A 225 3.84 -13.11 -6.07
N GLU A 226 4.68 -12.18 -6.48
CA GLU A 226 5.58 -12.40 -7.60
C GLU A 226 6.60 -13.49 -7.29
N HIS A 227 7.09 -13.51 -6.04
CA HIS A 227 8.06 -14.51 -5.61
C HIS A 227 7.43 -15.90 -5.59
N LEU A 228 6.20 -15.98 -5.10
CA LEU A 228 5.47 -17.24 -5.06
C LEU A 228 5.22 -17.75 -6.47
N TYR A 229 4.80 -16.82 -7.33
CA TYR A 229 4.60 -17.11 -8.75
C TYR A 229 5.90 -17.56 -9.40
N SER A 230 7.01 -17.03 -8.89
CA SER A 230 8.33 -17.39 -9.40
C SER A 230 8.69 -18.83 -9.03
N MET A 231 8.31 -19.25 -7.83
CA MET A 231 8.56 -20.62 -7.39
C MET A 231 7.71 -21.59 -8.19
N LYS A 232 6.55 -21.13 -8.65
CA LYS A 232 5.68 -21.94 -9.49
C LYS A 232 6.32 -22.17 -10.86
N CYS A 233 6.79 -21.09 -11.47
CA CYS A 233 7.40 -21.15 -12.79
C CYS A 233 8.65 -22.03 -12.81
N LYS A 234 9.44 -21.97 -11.75
CA LYS A 234 10.64 -22.77 -11.63
C LYS A 234 10.31 -24.17 -11.08
N ASN A 235 9.05 -24.35 -10.70
CA ASN A 235 8.56 -25.61 -10.18
C ASN A 235 9.42 -26.14 -9.03
N VAL A 236 9.77 -25.25 -8.11
CA VAL A 236 10.56 -25.62 -6.94
C VAL A 236 9.75 -26.52 -6.02
N VAL A 237 8.47 -26.18 -5.86
CA VAL A 237 7.57 -26.94 -5.02
C VAL A 237 6.17 -26.91 -5.65
N PRO A 238 5.48 -28.07 -5.67
CA PRO A 238 4.10 -28.11 -6.16
C PRO A 238 3.14 -27.36 -5.24
N LEU A 239 2.29 -26.52 -5.82
CA LEU A 239 1.35 -25.71 -5.06
C LEU A 239 -0.03 -26.34 -5.06
N SER A 240 -0.76 -26.15 -3.96
CA SER A 240 -2.12 -26.66 -3.86
C SER A 240 -3.03 -25.94 -4.83
N ASP A 241 -4.15 -26.58 -5.18
CA ASP A 241 -5.12 -26.00 -6.10
C ASP A 241 -5.66 -24.67 -5.55
N LEU A 242 -5.94 -24.64 -4.25
CA LEU A 242 -6.43 -23.43 -3.60
C LEU A 242 -5.42 -22.29 -3.70
N LEU A 243 -4.17 -22.58 -3.33
CA LEU A 243 -3.10 -21.59 -3.42
C LEU A 243 -2.92 -21.11 -4.85
N LEU A 244 -3.05 -22.04 -5.80
CA LEU A 244 -2.92 -21.71 -7.20
C LEU A 244 -4.03 -20.77 -7.65
N GLU A 245 -5.24 -20.99 -7.12
CA GLU A 245 -6.39 -20.16 -7.47
C GLU A 245 -6.30 -18.77 -6.86
N MET A 246 -5.81 -18.67 -5.64
CA MET A 246 -5.59 -17.37 -5.00
C MET A 246 -4.50 -16.62 -5.76
N LEU A 247 -3.53 -17.39 -6.25
CA LEU A 247 -2.41 -16.84 -6.99
C LEU A 247 -2.86 -16.33 -8.36
N ASP A 248 -3.69 -17.12 -9.03
CA ASP A 248 -4.14 -16.79 -10.39
C ASP A 248 -5.04 -15.56 -10.44
N ALA A 249 -5.51 -15.11 -9.30
CA ALA A 249 -6.39 -13.94 -9.24
C ALA A 249 -5.60 -12.64 -9.36
N HIS A 250 -4.28 -12.74 -9.44
CA HIS A 250 -3.42 -11.58 -9.59
C HIS A 250 -2.71 -11.57 -10.95
N ARG A 251 -1.87 -10.57 -11.17
CA ARG A 251 -1.16 -10.42 -12.43
C ARG A 251 -0.17 -11.57 -12.66
N LEU B 9 13.73 22.84 11.68
CA LEU B 9 13.25 23.85 10.75
C LEU B 9 11.80 23.59 10.35
N ALA B 10 11.50 22.33 10.07
CA ALA B 10 10.15 21.94 9.64
C ALA B 10 9.25 21.66 10.83
N LEU B 11 9.87 21.41 11.99
CA LEU B 11 9.12 21.13 13.21
C LEU B 11 8.42 22.38 13.73
N SER B 12 9.12 23.51 13.64
CA SER B 12 8.57 24.78 14.09
C SER B 12 7.78 25.47 12.97
N LEU B 13 6.85 24.73 12.39
CA LEU B 13 6.03 25.24 11.30
C LEU B 13 4.55 25.00 11.59
N THR B 14 3.73 26.04 11.45
CA THR B 14 2.31 25.90 11.72
C THR B 14 1.63 25.12 10.59
N ALA B 15 0.38 24.72 10.83
CA ALA B 15 -0.37 23.95 9.84
C ALA B 15 -0.59 24.77 8.57
N ASP B 16 -1.02 26.02 8.74
CA ASP B 16 -1.23 26.91 7.60
C ASP B 16 0.07 27.20 6.88
N GLN B 17 1.17 27.27 7.63
CA GLN B 17 2.49 27.47 7.05
C GLN B 17 2.96 26.20 6.33
N MET B 18 2.50 25.04 6.81
CA MET B 18 2.83 23.76 6.19
C MET B 18 2.13 23.61 4.85
N VAL B 19 0.84 23.95 4.83
CA VAL B 19 0.06 23.92 3.59
C VAL B 19 0.64 24.89 2.56
N SER B 20 0.96 26.11 3.00
CA SER B 20 1.51 27.13 2.12
C SER B 20 2.80 26.67 1.47
N ALA B 21 3.69 26.10 2.27
CA ALA B 21 4.99 25.63 1.78
C ALA B 21 4.79 24.55 0.72
N LEU B 22 3.92 23.59 1.01
CA LEU B 22 3.65 22.50 0.07
C LEU B 22 3.01 23.01 -1.21
N LEU B 23 2.03 23.91 -1.09
CA LEU B 23 1.35 24.47 -2.25
C LEU B 23 2.32 25.23 -3.14
N ASP B 24 3.22 25.99 -2.51
CA ASP B 24 4.19 26.80 -3.24
C ASP B 24 5.24 25.94 -3.93
N ALA B 25 5.41 24.71 -3.45
CA ALA B 25 6.44 23.82 -3.96
C ALA B 25 5.97 22.97 -5.14
N GLU B 26 4.67 23.03 -5.43
CA GLU B 26 4.06 22.19 -6.45
C GLU B 26 4.76 22.29 -7.79
N PRO B 27 5.02 21.12 -8.40
CA PRO B 27 5.65 21.07 -9.73
C PRO B 27 4.71 21.59 -10.80
N PRO B 28 5.24 22.00 -11.95
CA PRO B 28 4.40 22.43 -13.07
C PRO B 28 3.64 21.28 -13.70
N ILE B 29 2.61 21.60 -14.47
CA ILE B 29 1.92 20.59 -15.26
C ILE B 29 2.52 20.57 -16.65
N LEU B 30 3.22 19.49 -16.97
CA LEU B 30 3.98 19.37 -18.21
C LEU B 30 3.10 18.91 -19.37
N TYR B 31 3.46 19.33 -20.57
CA TYR B 31 2.76 18.91 -21.77
C TYR B 31 3.41 17.68 -22.39
N SER B 32 2.64 16.98 -23.22
CA SER B 32 3.14 15.81 -23.95
C SER B 32 3.56 16.20 -25.36
N GLU B 33 4.30 15.32 -26.03
CA GLU B 33 4.68 15.54 -27.42
C GLU B 33 3.67 14.89 -28.36
N TYR B 34 2.40 14.90 -27.94
CA TYR B 34 1.33 14.21 -28.66
C TYR B 34 0.77 15.02 -29.81
N ASP B 35 0.92 14.49 -31.03
CA ASP B 35 0.32 15.09 -32.23
C ASP B 35 -0.80 14.20 -32.75
N PRO B 36 -2.05 14.66 -32.65
CA PRO B 36 -3.26 13.91 -33.03
C PRO B 36 -3.19 13.29 -34.43
N THR B 37 -2.96 11.98 -34.48
CA THR B 37 -2.93 11.23 -35.73
C THR B 37 -2.99 9.73 -35.43
N ARG B 38 -4.12 9.11 -35.76
CA ARG B 38 -4.36 7.70 -35.50
C ARG B 38 -4.16 7.34 -34.03
N SER B 41 -0.47 3.70 -31.56
CA SER B 41 0.17 2.39 -31.43
C SER B 41 0.57 2.12 -29.98
N GLU B 42 1.24 0.99 -29.77
CA GLU B 42 1.73 0.63 -28.44
C GLU B 42 3.08 1.28 -28.17
N ALA B 43 3.89 1.40 -29.22
CA ALA B 43 5.20 2.01 -29.11
C ALA B 43 5.11 3.51 -28.89
N SER B 44 4.19 4.16 -29.60
CA SER B 44 4.02 5.61 -29.49
C SER B 44 3.41 5.98 -28.15
N MET B 45 2.36 5.27 -27.77
CA MET B 45 1.67 5.55 -26.52
C MET B 45 2.59 5.33 -25.33
N MET B 46 3.39 4.26 -25.38
CA MET B 46 4.35 4.01 -24.31
C MET B 46 5.47 5.04 -24.38
N GLY B 47 5.79 5.48 -25.59
CA GLY B 47 6.79 6.52 -25.79
C GLY B 47 6.41 7.82 -25.12
N LEU B 48 5.18 8.26 -25.36
CA LEU B 48 4.67 9.51 -24.79
C LEU B 48 4.69 9.49 -23.26
N LEU B 49 4.31 8.34 -22.69
CA LEU B 49 4.22 8.23 -21.23
C LEU B 49 5.58 8.25 -20.55
N THR B 50 6.52 7.48 -21.08
CA THR B 50 7.85 7.39 -20.48
C THR B 50 8.64 8.68 -20.71
N ASN B 51 8.40 9.33 -21.84
CA ASN B 51 8.99 10.64 -22.11
C ASN B 51 8.51 11.68 -21.11
N LEU B 52 7.22 11.67 -20.82
CA LEU B 52 6.62 12.63 -19.90
C LEU B 52 7.10 12.41 -18.46
N ALA B 53 7.20 11.15 -18.06
CA ALA B 53 7.64 10.80 -16.72
C ALA B 53 9.09 11.20 -16.49
N ASP B 54 9.92 10.99 -17.49
CA ASP B 54 11.32 11.39 -17.43
C ASP B 54 11.48 12.90 -17.19
N ARG B 55 10.69 13.70 -17.89
CA ARG B 55 10.74 15.15 -17.71
C ARG B 55 10.14 15.55 -16.37
N GLU B 56 9.07 14.87 -15.96
CA GLU B 56 8.44 15.15 -14.67
C GLU B 56 9.35 14.79 -13.50
N LEU B 57 10.14 13.73 -13.67
CA LEU B 57 11.05 13.27 -12.63
C LEU B 57 12.03 14.38 -12.21
N VAL B 58 12.50 15.17 -13.17
CA VAL B 58 13.40 16.26 -12.88
C VAL B 58 12.75 17.26 -11.93
N HIS B 59 11.48 17.56 -12.17
CA HIS B 59 10.76 18.52 -11.35
C HIS B 59 10.41 17.93 -9.99
N MET B 60 10.21 16.62 -9.96
CA MET B 60 9.89 15.94 -8.72
C MET B 60 11.03 16.07 -7.72
N ILE B 61 12.26 16.02 -8.21
CA ILE B 61 13.44 16.15 -7.35
C ILE B 61 13.44 17.51 -6.66
N ASN B 62 13.20 18.57 -7.43
CA ASN B 62 13.21 19.91 -6.89
C ASN B 62 12.01 20.15 -5.99
N TRP B 63 10.90 19.49 -6.29
CA TRP B 63 9.74 19.54 -5.42
C TRP B 63 10.08 18.87 -4.09
N ALA B 64 10.70 17.69 -4.18
CA ALA B 64 11.05 16.90 -3.00
C ALA B 64 11.93 17.69 -2.04
N LYS B 65 12.86 18.46 -2.60
CA LYS B 65 13.76 19.28 -1.80
C LYS B 65 13.03 20.42 -1.11
N ARG B 66 11.85 20.77 -1.62
CA ARG B 66 11.07 21.86 -1.02
C ARG B 66 10.03 21.33 -0.03
N VAL B 67 9.92 20.00 0.04
CA VAL B 67 9.07 19.37 1.05
C VAL B 67 9.76 19.46 2.40
N PRO B 68 9.13 20.17 3.35
CA PRO B 68 9.71 20.46 4.67
C PRO B 68 10.22 19.21 5.38
N GLY B 69 11.51 19.18 5.68
CA GLY B 69 12.12 18.07 6.40
C GLY B 69 12.96 17.17 5.53
N PHE B 70 12.71 17.19 4.22
CA PHE B 70 13.38 16.31 3.28
C PHE B 70 14.88 16.60 3.15
N VAL B 71 15.23 17.88 3.13
CA VAL B 71 16.63 18.27 2.98
C VAL B 71 17.45 18.01 4.23
N ASP B 72 16.77 17.78 5.35
CA ASP B 72 17.44 17.47 6.61
C ASP B 72 17.99 16.05 6.59
N LEU B 73 17.39 15.21 5.75
CA LEU B 73 17.85 13.82 5.62
C LEU B 73 19.18 13.78 4.90
N THR B 74 19.90 12.67 5.07
CA THR B 74 21.15 12.46 4.35
C THR B 74 20.86 12.27 2.87
N LEU B 75 21.89 12.47 2.05
CA LEU B 75 21.75 12.36 0.60
C LEU B 75 21.37 10.94 0.19
N HIS B 76 21.94 9.96 0.88
CA HIS B 76 21.65 8.56 0.60
C HIS B 76 20.18 8.22 0.86
N ASP B 77 19.65 8.74 1.96
CA ASP B 77 18.25 8.49 2.33
C ASP B 77 17.27 9.23 1.43
N GLN B 78 17.68 10.37 0.90
CA GLN B 78 16.86 11.12 -0.05
C GLN B 78 16.66 10.27 -1.32
N VAL B 79 17.77 9.74 -1.82
CA VAL B 79 17.77 8.88 -3.00
C VAL B 79 16.85 7.67 -2.80
N HIS B 80 16.97 7.03 -1.64
CA HIS B 80 16.15 5.85 -1.33
C HIS B 80 14.66 6.16 -1.36
N LEU B 81 14.28 7.27 -0.75
CA LEU B 81 12.87 7.66 -0.69
C LEU B 81 12.30 7.93 -2.08
N LEU B 82 13.08 8.61 -2.92
CA LEU B 82 12.63 8.91 -4.28
C LEU B 82 12.62 7.66 -5.16
N GLU B 83 13.65 6.83 -5.02
CA GLU B 83 13.73 5.58 -5.78
C GLU B 83 12.53 4.69 -5.51
N CYS B 84 12.03 4.74 -4.27
CA CYS B 84 10.92 3.91 -3.86
C CYS B 84 9.56 4.46 -4.28
N ALA B 85 9.43 5.79 -4.26
CA ALA B 85 8.10 6.40 -4.34
C ALA B 85 7.80 7.16 -5.64
N TRP B 86 8.78 7.25 -6.54
CA TRP B 86 8.64 8.13 -7.70
C TRP B 86 7.42 7.82 -8.57
N LEU B 87 7.09 6.53 -8.73
CA LEU B 87 5.95 6.17 -9.56
C LEU B 87 4.65 6.38 -8.80
N GLU B 88 4.68 6.13 -7.50
CA GLU B 88 3.56 6.46 -6.62
C GLU B 88 3.22 7.94 -6.72
N ILE B 89 4.25 8.78 -6.64
CA ILE B 89 4.08 10.22 -6.70
C ILE B 89 3.58 10.68 -8.08
N LEU B 90 4.13 10.10 -9.14
CA LEU B 90 3.65 10.41 -10.49
C LEU B 90 2.18 10.02 -10.65
N MET B 91 1.83 8.86 -10.09
CA MET B 91 0.47 8.33 -10.24
C MET B 91 -0.57 9.12 -9.45
N ILE B 92 -0.23 9.56 -8.25
CA ILE B 92 -1.19 10.35 -7.48
C ILE B 92 -1.36 11.72 -8.13
N GLY B 93 -0.31 12.21 -8.79
CA GLY B 93 -0.40 13.44 -9.55
C GLY B 93 -1.35 13.26 -10.72
N LEU B 94 -1.16 12.16 -11.45
CA LEU B 94 -2.02 11.82 -12.57
C LEU B 94 -3.48 11.72 -12.14
N VAL B 95 -3.71 10.99 -11.05
CA VAL B 95 -5.05 10.77 -10.52
C VAL B 95 -5.71 12.09 -10.11
N TRP B 96 -4.92 12.98 -9.53
CA TRP B 96 -5.40 14.30 -9.11
C TRP B 96 -5.79 15.16 -10.31
N ARG B 97 -4.95 15.18 -11.34
CA ARG B 97 -5.23 15.95 -12.56
C ARG B 97 -6.47 15.44 -13.28
N SER B 98 -6.81 14.18 -13.06
CA SER B 98 -7.90 13.54 -13.80
C SER B 98 -9.24 13.62 -13.08
N MET B 99 -9.26 14.22 -11.89
CA MET B 99 -10.46 14.28 -11.07
C MET B 99 -11.69 14.84 -11.79
N GLU B 100 -11.51 15.95 -12.47
CA GLU B 100 -12.61 16.61 -13.17
C GLU B 100 -12.86 16.00 -14.54
N HIS B 101 -12.19 14.90 -14.84
CA HIS B 101 -12.34 14.23 -16.14
C HIS B 101 -12.73 12.76 -15.97
N PRO B 102 -14.00 12.49 -15.66
CA PRO B 102 -14.50 11.14 -15.42
C PRO B 102 -14.34 10.24 -16.64
N GLY B 103 -13.83 9.03 -16.41
CA GLY B 103 -13.65 8.06 -17.47
C GLY B 103 -12.39 8.30 -18.28
N LYS B 104 -11.57 9.24 -17.83
CA LYS B 104 -10.37 9.60 -18.56
C LYS B 104 -9.19 9.92 -17.64
N LEU B 105 -7.98 9.69 -18.16
CA LEU B 105 -6.76 10.03 -17.45
C LEU B 105 -6.06 11.19 -18.16
N LEU B 106 -5.80 12.25 -17.42
CA LEU B 106 -5.11 13.42 -17.96
C LEU B 106 -3.62 13.34 -17.68
N PHE B 107 -2.89 12.60 -18.52
CA PHE B 107 -1.45 12.50 -18.36
C PHE B 107 -0.83 13.87 -18.61
N ALA B 108 -1.35 14.57 -19.61
CA ALA B 108 -0.96 15.93 -19.91
C ALA B 108 -2.19 16.66 -20.45
N PRO B 109 -2.25 17.99 -20.32
CA PRO B 109 -3.40 18.76 -20.82
C PRO B 109 -3.71 18.46 -22.28
N ASN B 110 -2.68 18.11 -23.04
CA ASN B 110 -2.86 17.74 -24.44
C ASN B 110 -2.87 16.23 -24.64
N LEU B 111 -2.89 15.50 -23.53
CA LEU B 111 -2.90 14.04 -23.56
C LEU B 111 -3.94 13.49 -22.59
N LEU B 112 -5.20 13.47 -23.02
CA LEU B 112 -6.29 12.97 -22.21
C LEU B 112 -6.78 11.64 -22.77
N LEU B 113 -6.45 10.55 -22.07
CA LEU B 113 -6.76 9.20 -22.57
C LEU B 113 -7.90 8.55 -21.78
N ASP B 114 -8.71 7.77 -22.47
CA ASP B 114 -9.78 7.01 -21.81
C ASP B 114 -9.41 5.53 -21.71
N ARG B 115 -10.28 4.77 -21.07
CA ARG B 115 -10.04 3.34 -20.85
C ARG B 115 -9.77 2.58 -22.15
N ASN B 116 -10.50 2.95 -23.20
CA ASN B 116 -10.38 2.27 -24.49
C ASN B 116 -9.01 2.42 -25.12
N GLN B 117 -8.43 3.61 -25.01
CA GLN B 117 -7.12 3.88 -25.58
C GLN B 117 -6.02 3.17 -24.81
N GLY B 118 -6.30 2.84 -23.55
CA GLY B 118 -5.35 2.09 -22.73
C GLY B 118 -5.11 0.69 -23.26
N LYS B 119 -6.07 0.19 -24.05
CA LYS B 119 -5.97 -1.15 -24.61
C LYS B 119 -4.89 -1.23 -25.69
N CYS B 120 -4.45 -0.07 -26.19
CA CYS B 120 -3.43 -0.01 -27.23
C CYS B 120 -2.10 -0.57 -26.74
N VAL B 121 -1.89 -0.50 -25.43
CA VAL B 121 -0.72 -1.10 -24.81
C VAL B 121 -1.13 -2.33 -24.01
N GLU B 122 -0.45 -3.45 -24.22
CA GLU B 122 -0.82 -4.69 -23.53
C GLU B 122 -0.55 -4.58 -22.04
N GLY B 123 -1.48 -5.10 -21.25
CA GLY B 123 -1.36 -5.09 -19.80
C GLY B 123 -1.58 -3.72 -19.17
N MET B 124 -1.84 -2.72 -20.01
CA MET B 124 -1.99 -1.34 -19.55
C MET B 124 -3.41 -1.02 -19.12
N VAL B 125 -4.38 -1.66 -19.74
CA VAL B 125 -5.78 -1.40 -19.45
C VAL B 125 -6.13 -1.75 -17.99
N GLU B 126 -5.40 -2.71 -17.42
CA GLU B 126 -5.61 -3.08 -16.02
C GLU B 126 -5.17 -1.93 -15.11
N ILE B 127 -4.06 -1.32 -15.44
CA ILE B 127 -3.54 -0.20 -14.67
C ILE B 127 -4.42 1.04 -14.85
N PHE B 128 -4.85 1.28 -16.08
CA PHE B 128 -5.79 2.35 -16.39
C PHE B 128 -7.03 2.29 -15.51
N ASP B 129 -7.64 1.10 -15.44
CA ASP B 129 -8.85 0.89 -14.66
C ASP B 129 -8.68 1.22 -13.19
N MET B 130 -7.52 0.85 -12.63
CA MET B 130 -7.22 1.15 -11.23
C MET B 130 -7.01 2.64 -11.02
N LEU B 131 -6.28 3.27 -11.93
CA LEU B 131 -6.07 4.71 -11.86
C LEU B 131 -7.40 5.45 -11.93
N LEU B 132 -8.27 5.02 -12.83
CA LEU B 132 -9.58 5.65 -13.00
C LEU B 132 -10.43 5.53 -11.74
N ALA B 133 -10.37 4.37 -11.09
CA ALA B 133 -11.15 4.14 -9.87
C ALA B 133 -10.65 5.02 -8.73
N THR B 134 -9.34 5.22 -8.67
CA THR B 134 -8.75 6.09 -7.66
C THR B 134 -9.20 7.53 -7.88
N SER B 135 -9.17 7.96 -9.14
CA SER B 135 -9.64 9.28 -9.51
C SER B 135 -11.12 9.45 -9.18
N SER B 136 -11.90 8.41 -9.46
CA SER B 136 -13.32 8.43 -9.15
C SER B 136 -13.54 8.48 -7.64
N ARG B 137 -12.65 7.82 -6.90
CA ARG B 137 -12.71 7.83 -5.45
C ARG B 137 -12.38 9.22 -4.88
N PHE B 138 -11.38 9.86 -5.47
CA PHE B 138 -11.04 11.24 -5.12
C PHE B 138 -12.23 12.15 -5.32
N ARG B 139 -12.86 12.03 -6.48
CA ARG B 139 -14.00 12.88 -6.84
C ARG B 139 -15.17 12.63 -5.91
N MET B 140 -15.32 11.38 -5.49
CA MET B 140 -16.35 10.98 -4.54
C MET B 140 -16.15 11.66 -3.18
N MET B 141 -14.89 11.72 -2.74
CA MET B 141 -14.55 12.32 -1.47
C MET B 141 -14.40 13.83 -1.58
N ASN B 142 -14.48 14.33 -2.81
CA ASN B 142 -14.24 15.75 -3.08
C ASN B 142 -12.89 16.17 -2.50
N LEU B 143 -11.84 15.47 -2.92
CA LEU B 143 -10.50 15.76 -2.43
C LEU B 143 -10.09 17.20 -2.74
N GLN B 144 -9.55 17.88 -1.74
CA GLN B 144 -9.10 19.25 -1.90
C GLN B 144 -7.60 19.30 -2.18
N GLY B 145 -7.17 20.34 -2.88
CA GLY B 145 -5.76 20.51 -3.22
C GLY B 145 -4.87 20.55 -2.00
N GLU B 146 -5.36 21.18 -0.93
CA GLU B 146 -4.61 21.26 0.32
C GLU B 146 -4.39 19.87 0.92
N GLU B 147 -5.33 18.96 0.66
CA GLU B 147 -5.22 17.58 1.13
C GLU B 147 -4.33 16.76 0.20
N PHE B 148 -4.41 17.03 -1.10
CA PHE B 148 -3.62 16.32 -2.09
C PHE B 148 -2.12 16.50 -1.86
N VAL B 149 -1.70 17.74 -1.63
CA VAL B 149 -0.28 18.03 -1.44
C VAL B 149 0.25 17.39 -0.16
N CYS B 150 -0.61 17.25 0.85
CA CYS B 150 -0.25 16.57 2.08
C CYS B 150 -0.03 15.07 1.83
N LEU B 151 -0.95 14.47 1.08
CA LEU B 151 -0.88 13.05 0.78
C LEU B 151 0.36 12.70 -0.04
N LYS B 152 0.65 13.56 -1.01
CA LYS B 152 1.77 13.33 -1.91
C LYS B 152 3.11 13.40 -1.17
N SER B 153 3.23 14.34 -0.24
CA SER B 153 4.45 14.46 0.54
C SER B 153 4.55 13.32 1.57
N ILE B 154 3.40 12.85 2.03
CA ILE B 154 3.37 11.69 2.92
C ILE B 154 3.95 10.47 2.20
N ILE B 155 3.50 10.25 0.97
CA ILE B 155 4.02 9.16 0.14
C ILE B 155 5.53 9.19 0.02
N LEU B 156 6.07 10.37 -0.28
CA LEU B 156 7.51 10.56 -0.39
C LEU B 156 8.26 10.10 0.86
N LEU B 157 7.72 10.45 2.02
CA LEU B 157 8.39 10.19 3.29
C LEU B 157 8.05 8.81 3.86
N ASN B 158 6.86 8.30 3.58
CA ASN B 158 6.41 7.05 4.17
C ASN B 158 6.83 5.79 3.42
N SER B 159 6.80 5.84 2.10
CA SER B 159 6.92 4.64 1.29
C SER B 159 8.30 3.96 1.35
N GLY B 160 9.31 4.68 1.82
CA GLY B 160 10.64 4.11 1.87
C GLY B 160 11.30 4.05 3.24
N VAL B 161 10.64 4.64 4.24
CA VAL B 161 11.26 4.75 5.56
C VAL B 161 11.36 3.39 6.26
N TYR B 162 10.48 2.46 5.89
CA TYR B 162 10.52 1.12 6.45
C TYR B 162 11.61 0.30 5.77
N LEU B 172 20.87 5.90 13.54
CA LEU B 172 19.66 5.69 12.75
C LEU B 172 18.53 6.60 13.21
N GLU B 173 18.88 7.80 13.65
CA GLU B 173 17.90 8.78 14.11
C GLU B 173 17.20 9.46 12.93
N GLU B 174 17.48 8.95 11.73
CA GLU B 174 16.84 9.45 10.52
C GLU B 174 15.35 9.12 10.52
N LYS B 175 15.02 7.89 10.92
CA LYS B 175 13.64 7.42 10.92
C LYS B 175 12.80 8.21 11.90
N ASP B 176 13.41 8.62 13.00
CA ASP B 176 12.71 9.36 14.05
C ASP B 176 12.35 10.77 13.57
N HIS B 177 13.19 11.33 12.71
CA HIS B 177 12.92 12.65 12.15
C HIS B 177 11.82 12.60 11.10
N ILE B 178 11.84 11.54 10.29
CA ILE B 178 10.82 11.36 9.26
C ILE B 178 9.44 11.19 9.87
N HIS B 179 9.37 10.39 10.94
CA HIS B 179 8.10 10.17 11.63
C HIS B 179 7.62 11.44 12.32
N ARG B 180 8.55 12.29 12.72
CA ARG B 180 8.21 13.58 13.32
C ARG B 180 7.55 14.51 12.28
N VAL B 181 8.08 14.47 11.06
CA VAL B 181 7.53 15.26 9.96
C VAL B 181 6.18 14.70 9.51
N LEU B 182 6.09 13.38 9.44
CA LEU B 182 4.86 12.69 9.07
C LEU B 182 3.75 13.04 10.06
N ASP B 183 4.07 13.02 11.34
CA ASP B 183 3.12 13.42 12.38
C ASP B 183 2.71 14.88 12.20
N LYS B 184 3.66 15.70 11.76
CA LYS B 184 3.39 17.11 11.52
C LYS B 184 2.40 17.28 10.37
N ILE B 185 2.54 16.46 9.33
CA ILE B 185 1.64 16.51 8.19
C ILE B 185 0.27 15.98 8.58
N THR B 186 0.25 15.02 9.50
CA THR B 186 -1.01 14.47 10.01
C THR B 186 -1.80 15.55 10.74
N ASP B 187 -1.11 16.29 11.60
CA ASP B 187 -1.74 17.41 12.32
C ASP B 187 -2.27 18.43 11.33
N THR B 188 -1.54 18.61 10.24
CA THR B 188 -1.94 19.52 9.18
C THR B 188 -3.26 19.12 8.54
N LEU B 189 -3.38 17.83 8.19
CA LEU B 189 -4.60 17.30 7.59
C LEU B 189 -5.81 17.49 8.51
N ILE B 190 -5.62 17.16 9.78
CA ILE B 190 -6.67 17.33 10.79
C ILE B 190 -7.08 18.80 10.89
N HIS B 191 -6.07 19.68 10.84
CA HIS B 191 -6.31 21.12 10.89
C HIS B 191 -7.19 21.57 9.73
N LEU B 192 -6.89 21.07 8.55
CA LEU B 192 -7.68 21.37 7.36
C LEU B 192 -9.13 20.93 7.52
N MET B 193 -9.33 19.70 7.98
CA MET B 193 -10.66 19.14 8.10
C MET B 193 -11.50 19.84 9.17
N ALA B 194 -10.83 20.32 10.21
CA ALA B 194 -11.48 21.08 11.27
C ALA B 194 -11.98 22.42 10.73
N LYS B 195 -11.23 23.00 9.81
CA LYS B 195 -11.62 24.28 9.20
C LYS B 195 -12.77 24.08 8.21
N ALA B 196 -12.87 22.89 7.64
CA ALA B 196 -13.93 22.58 6.68
C ALA B 196 -15.26 22.29 7.38
N GLY B 197 -15.26 22.36 8.71
CA GLY B 197 -16.47 22.19 9.48
C GLY B 197 -16.77 20.77 9.93
N LEU B 198 -15.84 19.86 9.68
CA LEU B 198 -16.03 18.46 10.06
C LEU B 198 -15.92 18.28 11.57
N THR B 199 -16.79 17.43 12.12
CA THR B 199 -16.73 17.09 13.54
C THR B 199 -15.49 16.24 13.81
N LEU B 200 -15.19 16.03 15.09
CA LEU B 200 -14.05 15.21 15.48
C LEU B 200 -14.14 13.81 14.87
N GLN B 201 -15.35 13.25 14.87
CA GLN B 201 -15.55 11.92 14.31
C GLN B 201 -15.30 11.92 12.81
N GLN B 202 -15.84 12.92 12.12
CA GLN B 202 -15.67 13.05 10.67
C GLN B 202 -14.22 13.32 10.29
N GLN B 203 -13.47 13.93 11.20
CA GLN B 203 -12.06 14.22 10.95
C GLN B 203 -11.20 12.95 10.85
N HIS B 204 -11.31 12.10 11.86
N HIS B 204 -11.29 12.05 11.83
CA HIS B 204 -10.57 10.84 11.91
CA HIS B 204 -10.43 10.86 11.77
C HIS B 204 -10.97 9.93 10.76
C HIS B 204 -11.00 9.78 10.85
N GLN B 205 -12.26 9.90 10.44
CA GLN B 205 -12.81 9.01 9.43
C GLN B 205 -12.25 9.37 8.05
N ARG B 206 -12.26 10.67 7.73
CA ARG B 206 -11.71 11.14 6.46
C ARG B 206 -10.21 10.89 6.39
N LEU B 207 -9.50 11.20 7.47
CA LEU B 207 -8.07 10.94 7.58
C LEU B 207 -7.75 9.50 7.25
N ALA B 208 -8.50 8.58 7.85
CA ALA B 208 -8.37 7.16 7.58
C ALA B 208 -8.64 6.86 6.11
N GLN B 209 -9.75 7.37 5.59
CA GLN B 209 -10.15 7.14 4.21
C GLN B 209 -9.08 7.60 3.23
N LEU B 210 -8.47 8.74 3.52
CA LEU B 210 -7.42 9.29 2.67
C LEU B 210 -6.16 8.44 2.72
N LEU B 211 -5.79 7.97 3.91
CA LEU B 211 -4.56 7.21 4.08
C LEU B 211 -4.70 5.78 3.56
N LEU B 212 -5.93 5.28 3.50
CA LEU B 212 -6.18 3.95 2.95
C LEU B 212 -6.05 3.94 1.43
N ILE B 213 -6.19 5.10 0.81
CA ILE B 213 -5.98 5.22 -0.63
C ILE B 213 -4.54 4.92 -0.98
N LEU B 214 -3.64 5.35 -0.10
CA LEU B 214 -2.20 5.21 -0.31
C LEU B 214 -1.79 3.75 -0.50
N SER B 215 -2.57 2.84 0.09
CA SER B 215 -2.31 1.42 -0.05
C SER B 215 -2.54 0.97 -1.49
N HIS B 216 -3.57 1.53 -2.11
N HIS B 216 -3.50 1.58 -2.15
CA HIS B 216 -3.93 1.22 -3.48
CA HIS B 216 -3.85 1.16 -3.51
C HIS B 216 -2.96 1.86 -4.46
C HIS B 216 -3.01 1.91 -4.51
N ILE B 217 -2.46 3.05 -4.09
CA ILE B 217 -1.49 3.77 -4.89
C ILE B 217 -0.19 2.98 -4.86
N ARG B 218 0.11 2.34 -3.74
CA ARG B 218 1.27 1.45 -3.65
C ARG B 218 1.11 0.27 -4.58
N HIS B 219 -0.09 -0.29 -4.59
CA HIS B 219 -0.43 -1.42 -5.44
C HIS B 219 -0.28 -1.07 -6.92
N MET B 220 -0.88 0.04 -7.33
CA MET B 220 -0.78 0.51 -8.71
C MET B 220 0.67 0.73 -9.12
N SER B 221 1.46 1.31 -8.23
CA SER B 221 2.88 1.51 -8.48
C SER B 221 3.62 0.19 -8.63
N ASN B 222 3.33 -0.77 -7.76
CA ASN B 222 3.93 -2.10 -7.86
C ASN B 222 3.61 -2.73 -9.21
N LYS B 223 2.34 -2.67 -9.60
CA LYS B 223 1.91 -3.23 -10.88
C LYS B 223 2.49 -2.45 -12.06
N GLY B 224 2.55 -1.13 -11.93
CA GLY B 224 3.09 -0.28 -12.97
C GLY B 224 4.57 -0.52 -13.19
N MET B 225 5.29 -0.71 -12.08
CA MET B 225 6.73 -0.96 -12.13
C MET B 225 7.03 -2.25 -12.90
N GLU B 226 6.28 -3.31 -12.58
CA GLU B 226 6.43 -4.58 -13.27
C GLU B 226 6.08 -4.45 -14.76
N HIS B 227 5.04 -3.67 -15.05
CA HIS B 227 4.63 -3.42 -16.44
C HIS B 227 5.73 -2.67 -17.18
N LEU B 228 6.32 -1.69 -16.52
CA LEU B 228 7.40 -0.89 -17.09
C LEU B 228 8.62 -1.77 -17.36
N TYR B 229 8.96 -2.61 -16.39
CA TYR B 229 10.05 -3.56 -16.53
C TYR B 229 9.79 -4.51 -17.71
N SER B 230 8.51 -4.86 -17.88
CA SER B 230 8.10 -5.74 -18.97
C SER B 230 8.28 -5.06 -20.33
N MET B 231 8.11 -3.75 -20.36
CA MET B 231 8.25 -2.97 -21.60
C MET B 231 9.71 -2.70 -21.91
N LYS B 232 10.56 -2.75 -20.87
CA LYS B 232 11.98 -2.53 -21.05
C LYS B 232 12.66 -3.77 -21.62
N CYS B 233 12.26 -4.94 -21.12
CA CYS B 233 12.82 -6.21 -21.59
C CYS B 233 12.27 -6.57 -22.97
N LYS B 234 11.02 -6.23 -23.22
CA LYS B 234 10.41 -6.49 -24.53
C LYS B 234 10.95 -5.51 -25.57
N ASN B 235 11.70 -4.51 -25.10
CA ASN B 235 12.32 -3.51 -25.95
C ASN B 235 11.33 -2.80 -26.84
N VAL B 236 10.12 -2.57 -26.33
CA VAL B 236 9.07 -1.90 -27.08
C VAL B 236 9.48 -0.48 -27.43
N VAL B 237 9.41 0.41 -26.44
CA VAL B 237 9.88 1.77 -26.57
C VAL B 237 11.09 1.94 -25.64
N PRO B 238 12.05 2.81 -26.02
CA PRO B 238 13.24 2.91 -25.16
C PRO B 238 13.02 3.81 -23.94
N LEU B 239 13.86 3.64 -22.92
CA LEU B 239 13.74 4.41 -21.69
C LEU B 239 14.99 5.26 -21.43
N SER B 240 14.77 6.46 -20.88
CA SER B 240 15.87 7.35 -20.54
C SER B 240 16.72 6.76 -19.43
N ASP B 241 17.99 7.18 -19.37
CA ASP B 241 18.92 6.66 -18.39
C ASP B 241 18.43 6.91 -16.95
N LEU B 242 17.72 8.02 -16.77
CA LEU B 242 17.14 8.32 -15.46
C LEU B 242 16.06 7.31 -15.10
N LEU B 243 15.20 7.00 -16.07
CA LEU B 243 14.11 6.04 -15.84
C LEU B 243 14.63 4.65 -15.51
N LEU B 244 15.73 4.27 -16.16
CA LEU B 244 16.34 2.96 -15.91
C LEU B 244 16.83 2.84 -14.48
N GLU B 245 17.54 3.86 -14.02
CA GLU B 245 18.10 3.85 -12.67
C GLU B 245 16.98 3.85 -11.61
N MET B 246 15.87 4.51 -11.92
CA MET B 246 14.71 4.48 -11.04
C MET B 246 14.06 3.10 -11.10
N LEU B 247 14.12 2.48 -12.28
CA LEU B 247 13.52 1.17 -12.48
C LEU B 247 14.37 0.06 -11.86
N ASP B 248 15.69 0.18 -12.01
CA ASP B 248 16.61 -0.82 -11.46
C ASP B 248 16.60 -0.80 -9.93
N ALA B 249 16.16 0.32 -9.35
CA ALA B 249 16.14 0.48 -7.90
C ALA B 249 15.19 -0.51 -7.23
N HIS B 250 14.20 -0.98 -7.97
CA HIS B 250 13.19 -1.90 -7.42
C HIS B 250 13.55 -3.36 -7.69
N ARG B 251 14.52 -3.57 -8.57
CA ARG B 251 15.08 -4.89 -8.84
C ARG B 251 14.01 -5.93 -9.22
N LEU B 252 13.49 -5.83 -10.43
CA LEU B 252 12.49 -6.77 -10.91
C LEU B 252 13.07 -7.70 -11.97
N HIS C 2 -16.81 -21.74 -10.49
CA HIS C 2 -16.06 -22.95 -10.19
C HIS C 2 -14.82 -22.64 -9.36
N LYS C 3 -15.02 -21.94 -8.25
CA LYS C 3 -13.92 -21.57 -7.35
C LYS C 3 -13.94 -22.38 -6.06
N ILE C 4 -12.77 -22.82 -5.62
CA ILE C 4 -12.64 -23.49 -4.34
C ILE C 4 -13.00 -22.52 -3.22
N LEU C 5 -12.70 -21.24 -3.44
CA LEU C 5 -13.00 -20.20 -2.48
C LEU C 5 -14.51 -20.06 -2.29
N HIS C 6 -15.26 -20.33 -3.35
CA HIS C 6 -16.72 -20.31 -3.29
C HIS C 6 -17.24 -21.29 -2.25
N ARG C 7 -16.70 -22.51 -2.26
CA ARG C 7 -17.16 -23.57 -1.38
C ARG C 7 -16.83 -23.28 0.08
N LEU C 8 -15.62 -22.79 0.34
CA LEU C 8 -15.17 -22.52 1.70
C LEU C 8 -16.01 -21.44 2.37
N LEU C 9 -16.48 -20.49 1.59
CA LEU C 9 -17.22 -19.35 2.11
C LEU C 9 -18.68 -19.69 2.44
N GLN C 10 -19.24 -20.66 1.73
CA GLN C 10 -20.66 -20.98 1.93
C GLN C 10 -20.87 -22.20 2.83
N ASP C 11 -19.79 -22.74 3.38
CA ASP C 11 -19.87 -23.77 4.40
C ASP C 11 -18.58 -23.84 5.21
N LYS D 3 24.92 7.36 -10.60
CA LYS D 3 23.52 7.58 -10.25
C LYS D 3 23.08 8.99 -10.62
N ILE D 4 22.23 9.10 -11.63
CA ILE D 4 21.74 10.40 -12.09
C ILE D 4 20.96 11.11 -10.98
N LEU D 5 20.17 10.33 -10.25
CA LEU D 5 19.36 10.86 -9.16
C LEU D 5 20.22 11.50 -8.08
N HIS D 6 21.37 10.90 -7.83
CA HIS D 6 22.31 11.38 -6.83
C HIS D 6 22.80 12.79 -7.16
N ARG D 7 23.35 12.95 -8.36
CA ARG D 7 23.87 14.24 -8.80
C ARG D 7 22.75 15.26 -8.97
N LEU D 8 21.58 14.78 -9.38
CA LEU D 8 20.43 15.65 -9.59
C LEU D 8 19.91 16.20 -8.27
N LEU D 9 20.14 15.45 -7.19
CA LEU D 9 19.78 15.91 -5.86
C LEU D 9 20.89 16.78 -5.26
N GLN D 10 22.03 16.81 -5.94
CA GLN D 10 23.21 17.52 -5.44
C GLN D 10 23.30 18.98 -5.90
N ASP D 11 22.71 19.28 -7.05
CA ASP D 11 22.85 20.59 -7.69
C ASP D 11 22.63 21.77 -6.76
O01 5OR E . 1.57 -17.23 7.72
C02 5OR E . 2.28 -17.06 6.59
C03 5OR E . 2.50 -18.13 5.74
C04 5OR E . 3.22 -17.92 4.60
C05 5OR E . 3.71 -16.68 4.29
C06 5OR E . 4.46 -16.51 3.14
N07 5OR E . 5.39 -15.62 2.86
C08 5OR E . 5.92 -15.87 1.63
C09 5OR E . 6.89 -15.21 0.87
C10 5OR E . 7.26 -15.69 -0.38
C11 5OR E . 6.61 -16.80 -0.84
O12 5OR E . 6.93 -17.29 -2.04
C13 5OR E . 5.65 -17.40 -0.07
N14 5OR E . 5.36 -16.90 1.16
C15 5OR E . 4.48 -17.31 2.04
I16 5OR E . 3.36 -18.96 1.61
C17 5OR E . 3.51 -15.66 5.15
C18 5OR E . 2.79 -15.84 6.28
O01 5OR F . 2.55 11.42 -14.82
C02 5OR F . 2.66 10.12 -15.17
C03 5OR F . 3.51 9.69 -16.17
C04 5OR F . 3.56 8.34 -16.45
C05 5OR F . 2.77 7.45 -15.75
C06 5OR F . 2.80 6.11 -16.05
N07 5OR F . 1.84 5.22 -15.93
C08 5OR F . 2.29 4.01 -16.37
C09 5OR F . 1.68 2.75 -16.45
C10 5OR F . 2.40 1.68 -16.96
C11 5OR F . 3.69 1.90 -17.39
O12 5OR F . 4.44 0.88 -17.92
C13 5OR F . 4.23 3.15 -17.30
N14 5OR F . 3.49 4.17 -16.77
C15 5OR F . 3.82 5.41 -16.60
I16 5OR F . 5.72 5.94 -17.14
C17 5OR F . 1.92 7.91 -14.78
C18 5OR F . 1.87 9.24 -14.50
#